data_8CNH
#
_entry.id   8CNH
#
_cell.length_a   99.140
_cell.length_b   99.140
_cell.length_c   99.601
_cell.angle_alpha   90.000
_cell.angle_beta   90.000
_cell.angle_gamma   120.000
#
_symmetry.space_group_name_H-M   'P 63'
#
loop_
_entity.id
_entity.type
_entity.pdbx_description
1 polymer 'Adenylate cyclase type 10'
2 non-polymer 'methyl 2-[[3-(2-azanyl-6-chloranyl-pyrimidin-4-yl)-1-methyl-pyrazol-4-yl]methyl]benzoate'
3 non-polymer 'DIMETHYL SULFOXIDE'
4 non-polymer 1,2-ETHANEDIOL
5 non-polymer 'ACETATE ION'
6 water water
#
_entity_poly.entity_id   1
_entity_poly.type   'polypeptide(L)'
_entity_poly.pdbx_seq_one_letter_code
;MNTPKEEFQDWPIVRIAAHLPDLIVYGHFSPERPFMDYFDGVLMFVDISGFTAMTEKFSSAMYMDRGAEQLVEILNYHIS
AIVEKVLIFGGDILKFAGDALLALWRVERKQLKNIITVVIKCSLEIHGLFETQEWEEGLDIRVKIGLAAGHISMLVFGDE
THSHFLVIGQAVDDVRLAQNMAQMNDVILSPNCWQLCDRSMIEIESVPDQRAVKVNFLKPPPNFNFDEFFTKCTTFMHYY
PSGEHKNLLRLA(CME)TLKPDPELEMSLQKYVMESILKQIDNKQLQGYLSELRPVTIVFVNLMFEDQDKAEEIGPAIQD
AYMHITSVLKIFQGQINKVFMFDKGCSFLCVFGFPGEKVPDELTHALECAMDIFDFCSQVHKIQTVSIGVASGIVFCGIV
GHTVRHEYTVIGQKVNLAARMMMYYPGIVTCDSVTYNGSNLPAYFFKELPKKVMKGVADSGPLYQYWGRTEKVHHHHHH
;
_entity_poly.pdbx_strand_id   A
#
# COMPACT_ATOMS: atom_id res chain seq x y z
N GLU A 7 -10.19 24.47 20.13
CA GLU A 7 -10.76 24.10 18.83
C GLU A 7 -11.24 22.64 18.81
N PHE A 8 -12.56 22.44 18.61
CA PHE A 8 -13.10 21.10 18.40
C PHE A 8 -12.68 20.58 17.04
N GLN A 9 -12.18 19.34 17.00
CA GLN A 9 -11.70 18.81 15.72
C GLN A 9 -12.10 17.35 15.47
N ASP A 10 -13.07 16.80 16.19
CA ASP A 10 -13.38 15.38 16.06
C ASP A 10 -14.60 15.14 15.17
N TRP A 11 -14.79 15.93 14.15
CA TRP A 11 -15.87 15.73 13.21
C TRP A 11 -15.68 14.46 12.38
N PRO A 12 -16.77 13.82 11.97
CA PRO A 12 -16.66 12.73 11.02
C PRO A 12 -15.75 13.05 9.88
N ILE A 13 -15.82 14.26 9.29
CA ILE A 13 -14.98 14.50 8.10
C ILE A 13 -13.48 14.35 8.44
N VAL A 14 -13.09 14.76 9.63
CA VAL A 14 -11.71 14.63 10.09
C VAL A 14 -11.36 13.15 10.33
N ARG A 15 -12.28 12.37 10.89
CA ARG A 15 -11.95 10.96 11.08
C ARG A 15 -11.75 10.26 9.74
N ILE A 16 -12.56 10.64 8.77
CA ILE A 16 -12.39 10.07 7.43
C ILE A 16 -11.05 10.47 6.84
N ALA A 17 -10.61 11.71 7.09
CA ALA A 17 -9.39 12.22 6.48
C ALA A 17 -8.16 11.51 7.01
N ALA A 18 -8.27 10.93 8.20
CA ALA A 18 -7.18 10.16 8.77
C ALA A 18 -6.81 8.99 7.89
N HIS A 19 -7.77 8.43 7.15
CA HIS A 19 -7.52 7.24 6.33
C HIS A 19 -6.95 7.58 4.98
N LEU A 20 -6.76 8.87 4.69
CA LEU A 20 -6.43 9.37 3.37
C LEU A 20 -5.24 10.32 3.37
N PRO A 21 -4.47 10.34 2.30
CA PRO A 21 -3.36 11.30 2.21
C PRO A 21 -3.89 12.68 1.82
N ASP A 22 -3.02 13.68 1.98
CA ASP A 22 -3.33 15.06 1.54
C ASP A 22 -3.53 15.12 0.01
N LEU A 23 -2.74 14.35 -0.75
CA LEU A 23 -2.95 14.22 -2.19
C LEU A 23 -4.43 14.10 -2.53
N ILE A 24 -5.21 13.39 -1.70
CA ILE A 24 -6.63 13.16 -1.92
C ILE A 24 -7.47 14.17 -1.12
N VAL A 25 -7.14 14.42 0.16
CA VAL A 25 -7.99 15.26 1.00
C VAL A 25 -8.08 16.65 0.41
N TYR A 26 -6.97 17.16 -0.11
CA TYR A 26 -6.92 18.50 -0.64
C TYR A 26 -6.91 18.54 -2.17
N GLY A 27 -7.27 17.42 -2.86
CA GLY A 27 -7.44 17.47 -4.30
C GLY A 27 -8.73 18.11 -4.76
N HIS A 28 -8.79 18.34 -6.06
CA HIS A 28 -9.99 18.88 -6.70
C HIS A 28 -10.28 18.17 -8.02
N PHE A 29 -10.45 16.87 -7.95
CA PHE A 29 -10.57 16.06 -9.16
C PHE A 29 -11.93 16.26 -9.82
N SER A 30 -11.91 16.28 -11.14
CA SER A 30 -13.07 16.09 -11.95
C SER A 30 -13.77 14.79 -11.56
N PRO A 31 -15.07 14.64 -11.93
CA PRO A 31 -15.74 13.33 -11.77
C PRO A 31 -15.35 12.29 -12.82
N GLU A 32 -14.65 12.66 -13.88
CA GLU A 32 -14.25 11.67 -14.88
C GLU A 32 -13.40 10.54 -14.26
N ARG A 33 -13.58 9.33 -14.77
CA ARG A 33 -12.85 8.18 -14.27
C ARG A 33 -12.45 7.40 -15.47
N PRO A 34 -11.16 7.14 -15.68
CA PRO A 34 -10.09 7.52 -14.76
C PRO A 34 -9.85 9.03 -14.77
N PHE A 35 -9.27 9.52 -13.67
CA PHE A 35 -8.75 10.88 -13.57
C PHE A 35 -7.23 10.83 -13.34
N MET A 36 -6.48 11.58 -14.11
CA MET A 36 -5.03 11.53 -14.03
C MET A 36 -4.49 12.94 -13.91
N ASP A 37 -3.49 13.09 -13.06
CA ASP A 37 -2.76 14.33 -12.93
C ASP A 37 -1.29 13.99 -12.87
N TYR A 38 -0.43 15.00 -13.03
CA TYR A 38 1.01 14.82 -13.19
C TYR A 38 1.73 15.91 -12.41
N PHE A 39 2.85 15.55 -11.79
CA PHE A 39 3.56 16.50 -10.95
C PHE A 39 4.95 15.92 -10.67
N ASP A 40 5.72 16.64 -9.87
CA ASP A 40 7.02 16.14 -9.45
C ASP A 40 7.07 16.02 -7.93
N GLY A 41 7.92 15.12 -7.44
CA GLY A 41 8.09 14.94 -6.00
C GLY A 41 9.25 14.04 -5.65
N VAL A 42 9.42 13.82 -4.36
CA VAL A 42 10.31 12.79 -3.83
C VAL A 42 9.46 11.73 -3.17
N LEU A 43 9.80 10.46 -3.42
CA LEU A 43 9.14 9.33 -2.78
C LEU A 43 10.09 8.66 -1.81
N MET A 44 9.51 8.27 -0.68
CA MET A 44 10.12 7.38 0.30
C MET A 44 9.31 6.10 0.51
N PHE A 45 9.97 4.95 0.37
CA PHE A 45 9.36 3.66 0.66
C PHE A 45 10.06 3.06 1.86
N VAL A 46 9.31 2.78 2.91
CA VAL A 46 9.85 2.17 4.14
C VAL A 46 9.36 0.74 4.22
N ASP A 47 10.30 -0.23 4.31
CA ASP A 47 10.01 -1.66 4.50
C ASP A 47 10.32 -2.00 5.95
N ILE A 48 9.34 -2.48 6.70
CA ILE A 48 9.62 -2.97 8.04
C ILE A 48 9.90 -4.45 7.97
N SER A 49 10.94 -4.90 8.66
CA SER A 49 11.11 -6.35 8.72
C SER A 49 10.63 -6.91 10.06
N GLY A 50 10.07 -8.09 9.97
CA GLY A 50 9.54 -8.79 11.12
C GLY A 50 8.03 -8.88 11.12
N PHE A 51 7.35 -7.96 10.41
CA PHE A 51 5.89 -7.96 10.46
C PHE A 51 5.31 -9.28 10.00
N THR A 52 6.11 -10.09 9.32
CA THR A 52 5.73 -11.48 9.05
C THR A 52 5.96 -12.35 10.28
N ALA A 53 7.20 -12.39 10.75
CA ALA A 53 7.54 -13.25 11.88
C ALA A 53 6.55 -13.09 13.02
N MET A 54 6.29 -11.85 13.46
CA MET A 54 5.55 -11.71 14.70
C MET A 54 4.06 -11.94 14.50
N THR A 55 3.49 -11.68 13.34
CA THR A 55 2.07 -11.96 13.23
C THR A 55 1.79 -13.45 13.46
N GLU A 56 2.64 -14.32 12.89
CA GLU A 56 2.46 -15.73 13.14
C GLU A 56 2.74 -16.04 14.61
N LYS A 57 3.62 -15.27 15.27
CA LYS A 57 3.87 -15.51 16.69
C LYS A 57 2.64 -15.18 17.54
N PHE A 58 2.00 -14.06 17.25
CA PHE A 58 0.85 -13.60 18.01
C PHE A 58 -0.40 -14.46 17.78
N SER A 59 -0.41 -15.38 16.81
CA SER A 59 -1.49 -16.36 16.72
C SER A 59 -1.31 -17.54 17.67
N SER A 60 -0.15 -17.62 18.33
CA SER A 60 0.11 -18.59 19.37
C SER A 60 -0.89 -18.53 20.53
N ALA A 61 -1.12 -19.69 21.14
CA ALA A 61 -2.01 -19.76 22.28
C ALA A 61 -1.47 -18.99 23.47
N MET A 62 -0.15 -18.69 23.46
CA MET A 62 0.45 -17.85 24.49
C MET A 62 -0.36 -16.57 24.72
N TYR A 63 -0.89 -15.98 23.64
CA TYR A 63 -1.53 -14.67 23.73
C TYR A 63 -2.98 -14.73 24.18
N MET A 64 -3.45 -15.94 24.52
CA MET A 64 -4.70 -16.19 25.21
C MET A 64 -5.87 -15.46 24.55
N ASP A 65 -5.99 -15.63 23.24
CA ASP A 65 -7.10 -15.06 22.48
C ASP A 65 -7.08 -13.54 22.42
N ARG A 66 -6.02 -12.88 22.93
CA ARG A 66 -5.80 -11.46 22.68
C ARG A 66 -4.63 -11.22 21.73
N GLY A 67 -4.37 -12.18 20.83
CA GLY A 67 -3.25 -12.02 19.91
C GLY A 67 -3.42 -10.83 18.98
N ALA A 68 -4.61 -10.69 18.39
CA ALA A 68 -4.84 -9.58 17.49
C ALA A 68 -4.69 -8.25 18.21
N GLU A 69 -5.22 -8.18 19.44
CA GLU A 69 -5.17 -6.93 20.22
C GLU A 69 -3.74 -6.57 20.57
N GLN A 70 -2.95 -7.57 21.01
CA GLN A 70 -1.54 -7.37 21.35
C GLN A 70 -0.71 -6.97 20.13
N LEU A 71 -0.94 -7.63 18.99
CA LEU A 71 -0.24 -7.34 17.75
C LEU A 71 -0.50 -5.93 17.25
N VAL A 72 -1.76 -5.53 17.10
CA VAL A 72 -2.02 -4.18 16.65
C VAL A 72 -1.36 -3.18 17.58
N GLU A 73 -1.47 -3.41 18.87
CA GLU A 73 -0.82 -2.50 19.83
C GLU A 73 0.70 -2.31 19.57
N ILE A 74 1.45 -3.40 19.55
CA ILE A 74 2.89 -3.20 19.39
C ILE A 74 3.23 -2.71 17.97
N LEU A 75 2.45 -3.14 16.98
CA LEU A 75 2.63 -2.64 15.62
C LEU A 75 2.42 -1.13 15.53
N ASN A 76 1.29 -0.65 16.03
CA ASN A 76 1.04 0.77 16.01
C ASN A 76 2.03 1.56 16.84
N TYR A 77 2.59 0.96 17.90
CA TYR A 77 3.63 1.65 18.66
C TYR A 77 4.81 2.00 17.75
N HIS A 78 5.26 1.05 16.97
CA HIS A 78 6.41 1.24 16.10
C HIS A 78 6.06 2.03 14.84
N ILE A 79 4.94 1.71 14.21
CA ILE A 79 4.59 2.37 12.96
C ILE A 79 4.25 3.82 13.19
N SER A 80 3.53 4.15 14.28
CA SER A 80 3.12 5.53 14.50
C SER A 80 4.33 6.43 14.76
N ALA A 81 5.43 5.89 15.32
CA ALA A 81 6.68 6.63 15.42
C ALA A 81 7.28 6.93 14.06
N ILE A 82 7.26 5.98 13.11
CA ILE A 82 7.69 6.28 11.75
C ILE A 82 6.79 7.35 11.12
N VAL A 83 5.48 7.21 11.28
CA VAL A 83 4.54 8.16 10.68
C VAL A 83 4.78 9.57 11.20
N GLU A 84 5.04 9.73 12.51
CA GLU A 84 5.14 11.13 12.87
C GLU A 84 6.45 11.75 12.44
N LYS A 85 7.48 10.95 12.25
CA LYS A 85 8.71 11.48 11.67
C LYS A 85 8.47 11.94 10.24
N VAL A 86 7.77 11.12 9.45
CA VAL A 86 7.43 11.52 8.10
C VAL A 86 6.63 12.82 8.11
N LEU A 87 5.65 12.89 9.00
CA LEU A 87 4.77 14.04 9.01
C LEU A 87 5.50 15.30 9.48
N ILE A 88 6.33 15.21 10.53
CA ILE A 88 7.02 16.41 11.00
C ILE A 88 8.03 16.91 9.97
N PHE A 89 8.56 16.03 9.11
CA PHE A 89 9.46 16.43 8.02
C PHE A 89 8.68 16.85 6.78
N GLY A 90 7.36 16.92 6.88
CA GLY A 90 6.55 17.44 5.82
C GLY A 90 6.08 16.45 4.78
N GLY A 91 6.30 15.15 4.98
CA GLY A 91 5.84 14.13 4.06
C GLY A 91 4.34 13.84 4.17
N ASP A 92 3.82 13.29 3.10
CA ASP A 92 2.44 12.85 2.97
C ASP A 92 2.46 11.32 2.83
N ILE A 93 1.90 10.63 3.80
CA ILE A 93 1.85 9.17 3.70
C ILE A 93 0.73 8.78 2.75
N LEU A 94 1.11 8.10 1.66
CA LEU A 94 0.16 7.82 0.60
C LEU A 94 -0.64 6.59 0.95
N LYS A 95 0.05 5.49 1.32
CA LYS A 95 -0.61 4.20 1.59
C LYS A 95 0.18 3.38 2.58
N PHE A 96 -0.51 2.49 3.30
CA PHE A 96 0.09 1.48 4.14
C PHE A 96 -0.18 0.12 3.50
N ALA A 97 0.81 -0.73 3.57
CA ALA A 97 0.66 -2.17 3.42
C ALA A 97 1.10 -2.79 4.75
N GLY A 98 0.77 -4.06 4.96
CA GLY A 98 1.23 -4.66 6.18
C GLY A 98 2.75 -4.62 6.34
N ASP A 99 3.48 -4.51 5.23
CA ASP A 99 4.92 -4.69 5.21
C ASP A 99 5.67 -3.40 4.93
N ALA A 100 4.99 -2.23 4.85
CA ALA A 100 5.59 -1.03 4.28
C ALA A 100 4.66 0.17 4.29
N LEU A 101 5.26 1.33 4.08
CA LEU A 101 4.47 2.49 3.72
C LEU A 101 5.25 3.30 2.68
N LEU A 102 4.48 4.06 1.91
CA LEU A 102 4.99 4.89 0.82
C LEU A 102 4.60 6.32 1.12
N ALA A 103 5.59 7.21 1.13
CA ALA A 103 5.38 8.62 1.42
C ALA A 103 5.83 9.49 0.24
N LEU A 104 5.25 10.69 0.21
CA LEU A 104 5.47 11.63 -0.88
C LEU A 104 5.72 13.03 -0.34
N TRP A 105 6.74 13.68 -0.94
CA TRP A 105 6.95 15.12 -0.88
C TRP A 105 6.72 15.64 -2.29
N ARG A 106 5.58 16.28 -2.50
CA ARG A 106 5.28 16.90 -3.79
C ARG A 106 5.71 18.37 -3.74
N VAL A 107 6.61 18.75 -4.67
CA VAL A 107 7.13 20.11 -4.76
C VAL A 107 7.38 20.44 -6.22
N GLU A 108 7.66 21.71 -6.48
CA GLU A 108 8.07 22.14 -7.80
C GLU A 108 9.45 21.58 -8.12
N ARG A 109 9.70 21.38 -9.41
CA ARG A 109 10.94 20.73 -9.83
C ARG A 109 12.18 21.46 -9.33
N LYS A 110 12.15 22.80 -9.29
CA LYS A 110 13.34 23.53 -8.84
C LYS A 110 13.71 23.21 -7.39
N GLN A 111 12.76 22.74 -6.59
CA GLN A 111 13.01 22.52 -5.18
C GLN A 111 13.39 21.08 -4.88
N LEU A 112 13.43 20.21 -5.90
CA LEU A 112 13.65 18.80 -5.62
C LEU A 112 14.98 18.60 -4.90
N LYS A 113 16.00 19.35 -5.29
CA LYS A 113 17.33 19.15 -4.73
C LYS A 113 17.31 19.38 -3.23
N ASN A 114 16.75 20.50 -2.80
CA ASN A 114 16.68 20.75 -1.36
C ASN A 114 15.79 19.73 -0.66
N ILE A 115 14.65 19.38 -1.24
CA ILE A 115 13.73 18.47 -0.54
C ILE A 115 14.37 17.11 -0.37
N ILE A 116 15.18 16.69 -1.33
CA ILE A 116 15.87 15.41 -1.16
C ILE A 116 16.70 15.42 0.12
N THR A 117 17.41 16.51 0.38
CA THR A 117 18.14 16.59 1.63
C THR A 117 17.23 16.44 2.84
N VAL A 118 16.10 17.15 2.85
CA VAL A 118 15.11 17.00 3.92
C VAL A 118 14.74 15.53 4.09
N VAL A 119 14.47 14.87 2.97
CA VAL A 119 13.90 13.53 3.04
C VAL A 119 14.98 12.55 3.46
N ILE A 120 16.24 12.86 3.15
CA ILE A 120 17.33 11.98 3.58
C ILE A 120 17.55 12.11 5.08
N LYS A 121 17.48 13.35 5.62
CA LYS A 121 17.57 13.50 7.06
C LYS A 121 16.42 12.75 7.71
N CYS A 122 15.21 12.93 7.18
CA CYS A 122 14.04 12.22 7.69
C CYS A 122 14.29 10.72 7.73
N SER A 123 14.85 10.17 6.65
CA SER A 123 15.15 8.73 6.60
C SER A 123 16.17 8.32 7.65
N LEU A 124 17.14 9.20 7.93
CA LEU A 124 18.15 8.85 8.90
C LEU A 124 17.58 8.85 10.31
N GLU A 125 16.71 9.81 10.62
CA GLU A 125 16.07 9.79 11.92
C GLU A 125 15.12 8.60 12.06
N ILE A 126 14.56 8.09 10.96
CA ILE A 126 13.68 6.93 11.11
C ILE A 126 14.50 5.72 11.54
N HIS A 127 15.64 5.51 10.88
N HIS A 127 15.63 5.50 10.88
CA HIS A 127 16.55 4.47 11.33
CA HIS A 127 16.54 4.46 11.34
C HIS A 127 17.01 4.68 12.77
C HIS A 127 17.00 4.68 12.78
N GLY A 128 17.14 5.94 13.20
CA GLY A 128 17.56 6.21 14.57
C GLY A 128 16.55 5.75 15.61
N LEU A 129 15.31 5.52 15.20
CA LEU A 129 14.28 5.03 16.12
C LEU A 129 14.54 3.59 16.55
N PHE A 130 15.28 2.82 15.76
CA PHE A 130 15.41 1.38 15.95
C PHE A 130 16.88 0.96 16.10
N GLU A 131 17.39 0.95 17.33
CA GLU A 131 18.79 0.63 17.58
C GLU A 131 18.98 -0.22 18.84
N ILE A 141 14.16 -5.35 15.65
CA ILE A 141 13.26 -4.59 14.77
C ILE A 141 14.03 -3.55 14.02
N ARG A 142 14.00 -3.62 12.68
CA ARG A 142 14.72 -2.65 11.84
C ARG A 142 13.96 -2.43 10.53
N VAL A 143 14.36 -1.39 9.80
CA VAL A 143 13.70 -0.99 8.57
C VAL A 143 14.69 -0.85 7.42
N LYS A 144 14.13 -0.74 6.22
CA LYS A 144 14.88 -0.51 4.99
C LYS A 144 14.18 0.60 4.24
N ILE A 145 14.96 1.51 3.65
CA ILE A 145 14.38 2.70 3.03
C ILE A 145 14.94 2.90 1.63
N GLY A 146 14.05 3.18 0.68
CA GLY A 146 14.43 3.55 -0.68
C GLY A 146 13.82 4.90 -1.02
N LEU A 147 14.60 5.73 -1.69
CA LEU A 147 14.22 7.09 -2.07
C LEU A 147 14.32 7.24 -3.58
N ALA A 148 13.38 8.00 -4.14
CA ALA A 148 13.44 8.34 -5.57
C ALA A 148 12.89 9.74 -5.80
N ALA A 149 13.24 10.33 -6.93
CA ALA A 149 12.78 11.68 -7.24
C ALA A 149 12.52 11.81 -8.73
N GLY A 150 11.54 12.62 -9.09
CA GLY A 150 11.23 12.82 -10.50
C GLY A 150 9.74 13.00 -10.73
N HIS A 151 9.39 12.76 -12.00
CA HIS A 151 8.02 12.86 -12.48
C HIS A 151 7.11 11.83 -11.80
N ILE A 152 5.87 12.21 -11.54
CA ILE A 152 4.93 11.28 -10.93
C ILE A 152 3.56 11.50 -11.54
N SER A 153 2.89 10.43 -11.90
CA SER A 153 1.52 10.47 -12.37
C SER A 153 0.61 9.93 -11.27
N MET A 154 -0.51 10.62 -11.00
CA MET A 154 -1.54 10.05 -10.12
C MET A 154 -2.78 9.57 -10.86
N LEU A 155 -3.30 8.43 -10.45
CA LEU A 155 -4.41 7.80 -11.16
C LEU A 155 -5.50 7.65 -10.12
N VAL A 156 -6.67 8.21 -10.42
CA VAL A 156 -7.87 8.00 -9.65
C VAL A 156 -8.87 7.22 -10.51
N PHE A 157 -9.32 6.09 -9.99
CA PHE A 157 -10.35 5.28 -10.63
C PHE A 157 -11.41 4.84 -9.62
N GLY A 158 -12.53 4.42 -10.18
CA GLY A 158 -13.66 4.10 -9.34
C GLY A 158 -14.98 4.26 -10.06
N ASP A 159 -16.04 4.03 -9.32
CA ASP A 159 -17.39 4.20 -9.82
C ASP A 159 -18.06 5.29 -8.97
N GLU A 160 -19.37 5.41 -9.08
CA GLU A 160 -20.11 6.48 -8.41
C GLU A 160 -20.02 6.44 -6.90
N THR A 161 -19.76 5.29 -6.29
CA THR A 161 -19.71 5.26 -4.84
C THR A 161 -18.36 4.84 -4.25
N HIS A 162 -17.38 4.41 -5.05
CA HIS A 162 -16.08 3.95 -4.53
C HIS A 162 -14.97 4.56 -5.37
N SER A 163 -13.88 4.99 -4.70
CA SER A 163 -12.74 5.58 -5.38
C SER A 163 -11.47 4.95 -4.81
N HIS A 164 -10.47 4.78 -5.70
CA HIS A 164 -9.13 4.28 -5.42
C HIS A 164 -8.12 5.20 -6.10
N PHE A 165 -6.89 5.22 -5.58
CA PHE A 165 -5.83 6.00 -6.23
C PHE A 165 -4.54 5.20 -6.25
N LEU A 166 -3.67 5.60 -7.18
CA LEU A 166 -2.35 5.05 -7.33
C LEU A 166 -1.43 6.20 -7.76
N VAL A 167 -0.14 6.04 -7.49
CA VAL A 167 0.87 6.83 -8.19
C VAL A 167 1.61 5.91 -9.14
N ILE A 168 2.02 6.46 -10.28
CA ILE A 168 2.62 5.68 -11.36
C ILE A 168 3.66 6.55 -11.99
N GLY A 169 4.64 5.91 -12.60
CA GLY A 169 5.59 6.66 -13.38
C GLY A 169 7.04 6.57 -12.94
N GLN A 170 7.84 7.48 -13.51
CA GLN A 170 9.29 7.45 -13.36
C GLN A 170 9.71 7.25 -11.91
N ALA A 171 9.29 8.16 -11.02
CA ALA A 171 9.82 8.11 -9.67
C ALA A 171 9.31 6.91 -8.90
N VAL A 172 8.12 6.40 -9.26
CA VAL A 172 7.59 5.20 -8.64
C VAL A 172 8.44 4.00 -9.02
N ASP A 173 8.62 3.78 -10.33
CA ASP A 173 9.47 2.67 -10.75
C ASP A 173 10.84 2.77 -10.09
N ASP A 174 11.36 4.00 -9.96
CA ASP A 174 12.69 4.18 -9.37
C ASP A 174 12.70 3.84 -7.89
N VAL A 175 11.65 4.24 -7.14
CA VAL A 175 11.64 3.92 -5.73
C VAL A 175 11.52 2.40 -5.55
N ARG A 176 10.78 1.72 -6.44
CA ARG A 176 10.78 0.26 -6.40
C ARG A 176 12.20 -0.29 -6.63
N LEU A 177 12.90 0.19 -7.65
CA LEU A 177 14.29 -0.25 -7.80
C LEU A 177 15.09 -0.12 -6.49
N ALA A 178 15.07 1.10 -5.92
CA ALA A 178 15.89 1.42 -4.76
C ALA A 178 15.52 0.54 -3.59
N GLN A 179 14.22 0.29 -3.40
CA GLN A 179 13.75 -0.49 -2.25
C GLN A 179 14.20 -1.92 -2.31
N ASN A 180 14.22 -2.55 -3.49
CA ASN A 180 14.59 -3.97 -3.48
C ASN A 180 16.08 -4.22 -3.37
N MET A 181 16.96 -3.21 -3.54
CA MET A 181 18.37 -3.42 -3.21
C MET A 181 18.66 -3.24 -1.72
N ALA A 182 17.91 -2.41 -1.03
CA ALA A 182 18.28 -2.08 0.33
C ALA A 182 18.37 -3.32 1.20
N GLN A 183 19.33 -3.32 2.11
CA GLN A 183 19.30 -4.20 3.27
C GLN A 183 18.95 -3.37 4.51
N MET A 184 18.79 -4.06 5.65
CA MET A 184 18.34 -3.37 6.87
C MET A 184 19.32 -2.28 7.27
N ASN A 185 18.76 -1.09 7.57
CA ASN A 185 19.46 0.13 7.97
C ASN A 185 19.97 0.89 6.77
N ASP A 186 19.71 0.42 5.55
CA ASP A 186 20.16 1.14 4.38
C ASP A 186 19.20 2.26 4.03
N VAL A 187 19.74 3.32 3.44
CA VAL A 187 18.99 4.32 2.73
C VAL A 187 19.59 4.33 1.34
N ILE A 188 18.80 3.88 0.35
CA ILE A 188 19.24 3.78 -1.04
C ILE A 188 18.60 4.92 -1.82
N LEU A 189 19.40 5.60 -2.63
CA LEU A 189 18.95 6.60 -3.59
C LEU A 189 18.84 6.02 -5.02
N SER A 190 17.71 6.22 -5.62
CA SER A 190 17.41 6.13 -7.05
C SER A 190 18.52 6.77 -7.87
N PRO A 191 18.87 6.23 -9.04
CA PRO A 191 19.87 6.94 -9.89
C PRO A 191 19.47 8.38 -10.16
N ASN A 192 18.17 8.62 -10.40
CA ASN A 192 17.74 10.00 -10.66
C ASN A 192 17.74 10.85 -9.40
N CYS A 193 17.38 10.29 -8.25
CA CYS A 193 17.57 11.04 -7.02
C CYS A 193 19.05 11.41 -6.78
N TRP A 194 19.97 10.43 -6.94
CA TRP A 194 21.41 10.72 -6.88
C TRP A 194 21.79 11.84 -7.83
N GLN A 195 21.24 11.82 -9.06
CA GLN A 195 21.61 12.82 -10.06
C GLN A 195 21.01 14.20 -9.75
N LEU A 196 19.89 14.23 -9.05
CA LEU A 196 19.24 15.49 -8.70
C LEU A 196 19.65 16.03 -7.35
N CYS A 197 20.27 15.22 -6.49
CA CYS A 197 20.48 15.61 -5.11
C CYS A 197 21.67 16.57 -4.99
N ASP A 198 21.85 17.11 -3.79
CA ASP A 198 22.99 17.96 -3.44
C ASP A 198 24.15 17.07 -3.03
N ARG A 199 24.93 16.63 -4.03
CA ARG A 199 26.09 15.76 -3.79
C ARG A 199 27.16 16.42 -2.93
N SER A 200 27.20 17.75 -2.89
CA SER A 200 28.05 18.45 -1.94
C SER A 200 27.82 17.97 -0.50
N MET A 201 26.59 17.66 -0.16
CA MET A 201 26.16 17.43 1.21
C MET A 201 25.96 15.95 1.58
N ILE A 202 25.90 15.05 0.60
CA ILE A 202 25.56 13.66 0.81
C ILE A 202 26.78 12.82 0.50
N GLU A 203 27.19 12.00 1.47
CA GLU A 203 28.28 11.05 1.31
C GLU A 203 27.70 9.66 1.06
N ILE A 204 28.13 9.02 -0.03
CA ILE A 204 27.49 7.81 -0.55
C ILE A 204 28.51 6.70 -0.70
N GLU A 205 28.01 5.51 -1.03
CA GLU A 205 28.86 4.47 -1.58
C GLU A 205 28.14 3.79 -2.72
N SER A 206 28.90 3.45 -3.76
CA SER A 206 28.38 2.66 -4.87
C SER A 206 27.85 1.33 -4.36
N VAL A 207 26.86 0.79 -5.05
CA VAL A 207 26.36 -0.55 -4.80
C VAL A 207 26.73 -1.43 -6.01
N PRO A 208 27.32 -2.59 -5.79
CA PRO A 208 27.73 -3.41 -6.95
C PRO A 208 26.63 -3.57 -7.99
N ASP A 209 27.05 -3.71 -9.24
CA ASP A 209 26.16 -4.08 -10.35
C ASP A 209 24.90 -3.23 -10.34
N GLN A 210 25.06 -1.92 -10.12
CA GLN A 210 23.90 -1.06 -9.95
C GLN A 210 24.33 0.39 -10.15
N ARG A 211 23.38 1.21 -10.58
CA ARG A 211 23.61 2.65 -10.69
C ARG A 211 23.01 3.41 -9.51
N ALA A 212 22.19 2.77 -8.68
CA ALA A 212 21.72 3.42 -7.47
C ALA A 212 22.88 3.54 -6.48
N VAL A 213 22.67 4.35 -5.44
CA VAL A 213 23.71 4.53 -4.44
C VAL A 213 23.11 4.36 -3.06
N LYS A 214 23.97 3.95 -2.12
CA LYS A 214 23.64 3.88 -0.71
C LYS A 214 24.16 5.13 -0.01
N VAL A 215 23.33 5.73 0.84
CA VAL A 215 23.72 6.90 1.62
C VAL A 215 24.43 6.47 2.91
N ASN A 216 25.67 6.94 3.12
CA ASN A 216 26.42 6.63 4.33
C ASN A 216 26.27 7.70 5.39
N PHE A 217 26.47 8.96 5.02
CA PHE A 217 26.40 10.08 5.96
C PHE A 217 25.81 11.29 5.25
N LEU A 218 25.24 12.18 6.07
CA LEU A 218 24.88 13.53 5.67
C LEU A 218 25.90 14.49 6.24
N LYS A 219 26.72 15.08 5.36
CA LYS A 219 27.79 15.96 5.83
C LYS A 219 27.55 17.39 5.40
N PRO A 220 26.89 18.20 6.23
CA PRO A 220 26.54 19.56 5.84
C PRO A 220 27.71 20.50 6.01
N PRO A 221 27.76 21.60 5.26
CA PRO A 221 28.86 22.58 5.43
C PRO A 221 28.86 23.18 6.83
N PRO A 222 29.93 23.85 7.22
CA PRO A 222 29.98 24.40 8.59
C PRO A 222 28.90 25.44 8.88
N ASN A 223 28.58 26.29 7.91
CA ASN A 223 27.53 27.29 8.11
C ASN A 223 26.12 26.69 8.23
N PHE A 224 25.89 25.50 7.67
CA PHE A 224 24.54 25.00 7.47
C PHE A 224 23.81 24.76 8.78
N ASN A 225 22.62 25.32 8.89
CA ASN A 225 21.75 25.04 10.02
C ASN A 225 20.46 24.34 9.56
N PHE A 226 20.30 23.08 9.91
CA PHE A 226 19.22 22.30 9.30
C PHE A 226 17.84 22.86 9.68
N ASP A 227 17.67 23.27 10.93
CA ASP A 227 16.38 23.80 11.37
C ASP A 227 15.97 25.00 10.54
N GLU A 228 16.88 25.97 10.37
CA GLU A 228 16.61 27.09 9.48
C GLU A 228 16.41 26.61 8.05
N PHE A 229 17.21 25.64 7.62
CA PHE A 229 17.08 25.12 6.27
C PHE A 229 15.70 24.52 6.07
N PHE A 230 15.28 23.71 7.03
CA PHE A 230 13.99 23.04 6.92
C PHE A 230 12.87 24.06 6.86
N THR A 231 12.91 25.04 7.78
CA THR A 231 11.91 26.12 7.83
C THR A 231 11.76 26.82 6.47
N LYS A 232 12.88 27.06 5.78
CA LYS A 232 12.76 27.66 4.47
C LYS A 232 12.15 26.70 3.46
N CYS A 233 12.46 25.41 3.58
CA CYS A 233 11.85 24.41 2.70
C CYS A 233 10.34 24.31 2.93
N THR A 234 9.86 24.49 4.17
CA THR A 234 8.40 24.50 4.38
C THR A 234 7.72 25.62 3.60
N THR A 235 8.46 26.63 3.17
CA THR A 235 7.88 27.64 2.29
C THR A 235 7.20 27.01 1.10
N PHE A 236 7.69 25.84 0.67
CA PHE A 236 7.25 25.21 -0.57
C PHE A 236 6.25 24.10 -0.35
N MET A 237 5.88 23.84 0.92
CA MET A 237 4.94 22.78 1.30
C MET A 237 3.57 23.40 1.57
N HIS A 238 2.65 23.24 0.62
CA HIS A 238 1.38 23.96 0.64
C HIS A 238 0.63 23.70 1.93
N TYR A 239 0.72 22.48 2.47
CA TYR A 239 -0.15 22.03 3.56
C TYR A 239 0.65 21.71 4.82
N TYR A 240 1.87 22.24 4.97
CA TYR A 240 2.57 22.10 6.23
C TYR A 240 1.93 22.97 7.31
N PRO A 241 1.62 22.41 8.48
CA PRO A 241 0.93 23.20 9.51
C PRO A 241 1.85 24.26 10.09
N SER A 242 1.31 25.45 10.29
CA SER A 242 2.12 26.59 10.71
C SER A 242 1.23 27.55 11.48
N GLY A 243 1.85 28.64 11.99
CA GLY A 243 1.10 29.70 12.63
C GLY A 243 0.42 29.14 13.86
N GLU A 244 -0.88 29.36 13.95
CA GLU A 244 -1.61 28.85 15.10
C GLU A 244 -1.85 27.35 15.04
N HIS A 245 -1.49 26.71 13.93
CA HIS A 245 -1.62 25.26 13.78
C HIS A 245 -0.25 24.59 13.77
N LYS A 246 0.77 25.23 14.30
CA LYS A 246 2.12 24.74 14.10
C LYS A 246 2.41 23.47 14.89
N ASN A 247 1.62 23.15 15.91
CA ASN A 247 1.88 21.93 16.67
C ASN A 247 0.93 20.77 16.32
N LEU A 248 0.10 20.91 15.30
CA LEU A 248 -0.64 19.80 14.74
C LEU A 248 0.24 19.02 13.80
N LEU A 249 0.00 17.72 13.71
CA LEU A 249 0.75 16.85 12.79
C LEU A 249 0.21 16.93 11.36
N ARG A 250 -1.05 17.29 11.23
CA ARG A 250 -1.66 17.40 9.92
C ARG A 250 -2.66 18.54 9.94
N LEU A 251 -2.65 19.30 8.85
CA LEU A 251 -3.65 20.31 8.63
C LEU A 251 -5.03 19.69 8.50
N ALA A 252 -5.10 18.46 7.99
CA ALA A 252 -6.36 17.73 7.88
C ALA A 252 -7.14 17.64 9.18
N THR A 254 -7.79 20.06 10.92
CA THR A 254 -8.56 21.27 11.07
C THR A 254 -9.76 21.31 10.16
N LEU A 255 -9.95 20.28 9.34
CA LEU A 255 -11.07 20.28 8.41
C LEU A 255 -12.37 20.47 9.15
N LYS A 256 -13.22 21.31 8.56
CA LYS A 256 -14.55 21.56 9.07
C LYS A 256 -15.59 20.87 8.21
N PRO A 257 -16.80 20.63 8.74
CA PRO A 257 -17.86 19.95 8.00
C PRO A 257 -18.15 20.61 6.66
N ASP A 258 -18.33 19.81 5.66
CA ASP A 258 -18.40 20.20 4.25
C ASP A 258 -18.99 19.01 3.50
N PRO A 259 -20.31 18.95 3.37
CA PRO A 259 -20.94 17.74 2.82
C PRO A 259 -20.43 17.29 1.48
N GLU A 260 -20.18 18.17 0.50
CA GLU A 260 -19.66 17.71 -0.80
C GLU A 260 -18.25 17.13 -0.68
N LEU A 261 -17.40 17.73 0.16
CA LEU A 261 -16.07 17.18 0.36
C LEU A 261 -16.16 15.84 1.09
N GLU A 262 -16.99 15.75 2.12
CA GLU A 262 -17.09 14.47 2.82
C GLU A 262 -17.63 13.38 1.88
N MET A 263 -18.60 13.74 1.04
CA MET A 263 -19.15 12.81 0.04
C MET A 263 -18.07 12.22 -0.88
N SER A 264 -17.17 13.06 -1.39
N SER A 264 -17.16 13.05 -1.37
CA SER A 264 -16.04 12.57 -2.18
CA SER A 264 -16.06 12.52 -2.21
C SER A 264 -15.10 11.69 -1.36
C SER A 264 -15.07 11.69 -1.37
N LEU A 265 -14.77 12.13 -0.14
CA LEU A 265 -13.75 11.42 0.64
C LEU A 265 -14.24 10.06 1.12
N GLN A 266 -15.50 9.97 1.46
CA GLN A 266 -15.94 8.72 2.02
C GLN A 266 -15.92 7.58 1.00
N LYS A 267 -15.95 7.88 -0.30
CA LYS A 267 -15.83 6.88 -1.36
C LYS A 267 -14.50 6.14 -1.33
N TYR A 268 -13.51 6.66 -0.61
CA TYR A 268 -12.22 6.01 -0.57
C TYR A 268 -12.10 5.01 0.56
N VAL A 269 -13.06 4.97 1.47
CA VAL A 269 -13.00 4.25 2.72
C VAL A 269 -14.00 3.10 2.71
N MET A 270 -13.58 1.93 3.18
CA MET A 270 -14.47 0.78 3.24
C MET A 270 -15.66 1.03 4.17
N GLU A 271 -16.82 0.43 3.84
CA GLU A 271 -18.04 0.71 4.59
C GLU A 271 -17.88 0.39 6.07
N SER A 272 -17.22 -0.71 6.40
CA SER A 272 -17.16 -1.12 7.82
C SER A 272 -16.32 -0.09 8.61
N ILE A 273 -15.38 0.56 7.95
CA ILE A 273 -14.64 1.62 8.60
C ILE A 273 -15.57 2.79 8.87
N LEU A 274 -16.37 3.15 7.86
CA LEU A 274 -17.29 4.27 8.01
C LEU A 274 -18.25 4.05 9.18
N LYS A 275 -18.70 2.81 9.37
CA LYS A 275 -19.59 2.50 10.47
C LYS A 275 -18.91 2.75 11.82
N GLN A 276 -17.63 2.40 11.93
CA GLN A 276 -16.88 2.76 13.14
C GLN A 276 -16.74 4.27 13.27
N ILE A 277 -16.30 4.93 12.21
CA ILE A 277 -16.23 6.39 12.23
C ILE A 277 -17.56 7.01 12.72
N ASP A 278 -18.68 6.41 12.37
CA ASP A 278 -19.95 7.01 12.79
C ASP A 278 -20.41 6.54 14.18
N ASN A 279 -19.53 5.86 14.94
CA ASN A 279 -19.83 5.38 16.29
C ASN A 279 -21.05 4.49 16.29
N LYS A 280 -21.21 3.74 15.20
CA LYS A 280 -22.21 2.68 15.06
C LYS A 280 -21.62 1.27 15.15
N GLN A 281 -20.39 1.14 15.65
CA GLN A 281 -19.72 -0.13 15.85
C GLN A 281 -18.58 0.10 16.84
N LEU A 282 -18.37 -0.88 17.69
CA LEU A 282 -17.37 -0.78 18.74
C LEU A 282 -16.01 -0.57 18.10
N GLN A 283 -15.25 0.40 18.63
CA GLN A 283 -13.98 0.84 18.01
C GLN A 283 -12.89 -0.22 18.00
N GLY A 284 -13.14 -1.43 18.53
CA GLY A 284 -12.16 -2.50 18.54
C GLY A 284 -12.61 -3.71 17.76
N TYR A 285 -13.81 -3.59 17.19
CA TYR A 285 -14.39 -4.69 16.43
C TYR A 285 -13.50 -5.12 15.27
N LEU A 286 -12.70 -4.22 14.70
CA LEU A 286 -11.96 -4.50 13.47
C LEU A 286 -10.54 -4.97 13.71
N SER A 287 -10.09 -5.10 14.97
CA SER A 287 -8.81 -5.75 15.27
C SER A 287 -9.08 -7.23 15.43
N GLU A 288 -8.68 -8.06 14.47
CA GLU A 288 -8.98 -9.48 14.73
C GLU A 288 -8.05 -10.40 13.94
N LEU A 289 -7.85 -11.60 14.46
CA LEU A 289 -7.26 -12.74 13.74
C LEU A 289 -8.48 -13.54 13.32
N ARG A 290 -8.74 -13.57 12.03
CA ARG A 290 -9.94 -14.04 11.37
C ARG A 290 -9.57 -15.00 10.25
N PRO A 291 -10.38 -16.02 10.02
CA PRO A 291 -10.20 -16.83 8.79
C PRO A 291 -10.79 -16.10 7.60
N VAL A 292 -9.97 -15.92 6.56
CA VAL A 292 -10.36 -15.27 5.34
C VAL A 292 -9.79 -16.00 4.14
N THR A 293 -10.31 -15.66 2.95
CA THR A 293 -9.68 -16.03 1.70
C THR A 293 -9.17 -14.77 1.02
N ILE A 294 -7.90 -14.78 0.66
CA ILE A 294 -7.26 -13.70 -0.05
C ILE A 294 -7.30 -14.05 -1.51
N VAL A 295 -7.77 -13.10 -2.33
CA VAL A 295 -7.73 -13.17 -3.78
C VAL A 295 -6.88 -11.98 -4.25
N PHE A 296 -5.69 -12.27 -4.69
CA PHE A 296 -4.70 -11.28 -5.08
C PHE A 296 -4.61 -11.29 -6.59
N VAL A 297 -5.08 -10.20 -7.18
CA VAL A 297 -5.27 -10.06 -8.61
C VAL A 297 -4.17 -9.14 -9.10
N ASN A 298 -3.39 -9.60 -10.08
CA ASN A 298 -2.35 -8.80 -10.72
C ASN A 298 -2.64 -8.60 -12.19
N LEU A 299 -2.64 -7.34 -12.62
CA LEU A 299 -2.82 -6.93 -14.00
C LEU A 299 -1.50 -6.37 -14.53
N MET A 300 -0.92 -7.05 -15.52
CA MET A 300 0.39 -6.69 -16.04
C MET A 300 0.29 -5.90 -17.35
N PHE A 301 1.08 -4.84 -17.45
CA PHE A 301 1.21 -4.07 -18.67
C PHE A 301 2.63 -4.17 -19.21
N GLU A 302 2.77 -3.84 -20.49
CA GLU A 302 4.07 -3.90 -21.13
C GLU A 302 4.92 -2.70 -20.72
N ASP A 303 6.24 -2.84 -20.91
CA ASP A 303 7.17 -1.82 -20.43
C ASP A 303 6.95 -0.47 -21.10
N GLN A 304 6.52 -0.47 -22.37
CA GLN A 304 6.36 0.77 -23.10
C GLN A 304 5.14 1.56 -22.66
N ASP A 305 4.14 0.89 -22.07
CA ASP A 305 2.84 1.50 -21.84
C ASP A 305 3.00 2.79 -21.04
N LYS A 306 2.27 3.80 -21.44
CA LYS A 306 2.23 5.08 -20.75
C LYS A 306 1.04 5.13 -19.80
N ALA A 307 1.17 5.98 -18.79
CA ALA A 307 0.08 6.13 -17.82
C ALA A 307 -1.24 6.53 -18.49
N GLU A 308 -1.18 7.25 -19.60
CA GLU A 308 -2.41 7.64 -20.26
C GLU A 308 -3.19 6.43 -20.75
N GLU A 309 -2.51 5.34 -21.06
CA GLU A 309 -3.16 4.13 -21.52
C GLU A 309 -3.38 3.11 -20.41
N ILE A 310 -2.59 3.14 -19.36
CA ILE A 310 -2.79 2.22 -18.25
C ILE A 310 -4.06 2.58 -17.49
N GLY A 311 -4.33 3.86 -17.35
CA GLY A 311 -5.42 4.29 -16.52
C GLY A 311 -6.76 3.74 -16.98
N PRO A 312 -7.06 3.87 -18.26
CA PRO A 312 -8.33 3.31 -18.77
C PRO A 312 -8.47 1.80 -18.62
N ALA A 313 -7.38 1.06 -18.89
CA ALA A 313 -7.40 -0.38 -18.64
C ALA A 313 -7.73 -0.70 -17.18
N ILE A 314 -7.15 0.03 -16.24
CA ILE A 314 -7.41 -0.25 -14.83
C ILE A 314 -8.85 0.07 -14.46
N GLN A 315 -9.34 1.23 -14.92
CA GLN A 315 -10.74 1.58 -14.79
C GLN A 315 -11.66 0.45 -15.27
N ASP A 316 -11.45 -0.03 -16.51
CA ASP A 316 -12.33 -1.07 -17.08
C ASP A 316 -12.21 -2.37 -16.29
N ALA A 317 -10.99 -2.75 -15.92
CA ALA A 317 -10.84 -3.91 -15.07
C ALA A 317 -11.60 -3.69 -13.77
N TYR A 318 -11.49 -2.47 -13.22
CA TYR A 318 -12.04 -2.24 -11.92
C TYR A 318 -13.53 -2.34 -11.98
N MET A 319 -14.15 -1.79 -13.03
CA MET A 319 -15.60 -1.82 -13.09
C MET A 319 -16.09 -3.28 -13.04
N HIS A 320 -15.34 -4.21 -13.67
CA HIS A 320 -15.74 -5.61 -13.58
C HIS A 320 -15.39 -6.22 -12.23
N ILE A 321 -14.18 -5.99 -11.70
CA ILE A 321 -13.82 -6.55 -10.40
C ILE A 321 -14.88 -6.21 -9.35
N THR A 322 -15.25 -4.93 -9.28
CA THR A 322 -16.12 -4.54 -8.19
C THR A 322 -17.48 -5.24 -8.29
N SER A 323 -17.98 -5.45 -9.53
CA SER A 323 -19.31 -6.04 -9.68
C SER A 323 -19.30 -7.53 -9.32
N VAL A 324 -18.29 -8.25 -9.78
CA VAL A 324 -18.13 -9.63 -9.33
C VAL A 324 -17.90 -9.71 -7.81
N LEU A 325 -17.04 -8.86 -7.24
CA LEU A 325 -16.81 -8.98 -5.78
C LEU A 325 -18.15 -8.86 -5.02
N LYS A 326 -19.00 -7.95 -5.46
CA LYS A 326 -20.24 -7.75 -4.75
C LYS A 326 -21.10 -8.99 -4.85
N ILE A 327 -21.07 -9.64 -6.00
CA ILE A 327 -21.89 -10.84 -6.17
C ILE A 327 -21.38 -11.94 -5.26
N PHE A 328 -20.06 -12.09 -5.16
CA PHE A 328 -19.48 -13.15 -4.36
C PHE A 328 -19.12 -12.69 -2.96
N GLN A 329 -19.50 -11.47 -2.58
CA GLN A 329 -19.31 -10.90 -1.25
C GLN A 329 -17.84 -10.82 -0.83
N GLY A 330 -17.05 -10.13 -1.66
CA GLY A 330 -15.67 -9.83 -1.33
C GLY A 330 -15.49 -8.32 -1.32
N GLN A 331 -14.29 -7.90 -0.94
CA GLN A 331 -13.97 -6.49 -0.92
C GLN A 331 -12.55 -6.27 -1.38
N ILE A 332 -12.32 -5.11 -1.97
CA ILE A 332 -10.96 -4.66 -2.20
C ILE A 332 -10.42 -4.07 -0.91
N ASN A 333 -9.30 -4.61 -0.43
CA ASN A 333 -8.65 -4.02 0.74
C ASN A 333 -7.56 -3.03 0.37
N LYS A 334 -6.83 -3.26 -0.70
CA LYS A 334 -5.67 -2.43 -1.02
C LYS A 334 -5.45 -2.61 -2.51
N VAL A 335 -5.03 -1.54 -3.18
CA VAL A 335 -4.53 -1.58 -4.53
C VAL A 335 -3.11 -1.04 -4.54
N PHE A 336 -2.23 -1.67 -5.32
CA PHE A 336 -0.83 -1.24 -5.42
C PHE A 336 -0.37 -1.33 -6.85
N MET A 337 0.74 -0.67 -7.16
CA MET A 337 1.35 -0.85 -8.48
C MET A 337 2.86 -0.64 -8.50
N PHE A 338 3.54 -1.62 -9.12
CA PHE A 338 4.97 -1.59 -9.32
C PHE A 338 5.35 -2.75 -10.23
N ASP A 339 6.56 -2.69 -10.78
CA ASP A 339 7.02 -3.69 -11.76
C ASP A 339 6.02 -3.81 -12.92
N LYS A 340 5.43 -2.66 -13.31
CA LYS A 340 4.46 -2.55 -14.39
C LYS A 340 3.22 -3.41 -14.15
N GLY A 341 2.96 -3.80 -12.90
CA GLY A 341 1.77 -4.55 -12.56
C GLY A 341 0.93 -3.87 -11.50
N CYS A 342 -0.36 -3.75 -11.79
CA CYS A 342 -1.36 -3.28 -10.84
C CYS A 342 -2.06 -4.44 -10.15
N SER A 343 -1.98 -4.44 -8.82
CA SER A 343 -2.49 -5.56 -8.05
C SER A 343 -3.61 -5.15 -7.09
N PHE A 344 -4.63 -6.02 -6.99
CA PHE A 344 -5.78 -5.82 -6.12
C PHE A 344 -5.77 -6.86 -5.02
N LEU A 345 -5.65 -6.41 -3.77
CA LEU A 345 -5.72 -7.29 -2.60
C LEU A 345 -7.19 -7.40 -2.24
N CYS A 346 -7.80 -8.52 -2.63
CA CYS A 346 -9.21 -8.73 -2.37
C CYS A 346 -9.31 -9.76 -1.25
N VAL A 347 -10.39 -9.67 -0.50
CA VAL A 347 -10.60 -10.45 0.72
C VAL A 347 -12.05 -10.91 0.79
N PHE A 348 -12.25 -12.16 1.18
CA PHE A 348 -13.57 -12.77 1.35
C PHE A 348 -13.63 -13.27 2.79
N GLY A 349 -14.75 -12.97 3.46
CA GLY A 349 -14.93 -13.26 4.86
C GLY A 349 -14.52 -12.15 5.80
N PHE A 350 -14.57 -10.87 5.35
CA PHE A 350 -14.25 -9.68 6.13
C PHE A 350 -15.17 -9.60 7.35
N PRO A 351 -14.97 -8.63 8.27
CA PRO A 351 -15.62 -8.70 9.59
C PRO A 351 -17.09 -9.16 9.65
N GLY A 352 -17.94 -8.70 8.74
CA GLY A 352 -19.32 -9.12 8.78
C GLY A 352 -19.78 -9.83 7.52
N GLU A 353 -18.88 -10.59 6.89
CA GLU A 353 -19.16 -11.06 5.53
C GLU A 353 -18.68 -12.50 5.35
N LYS A 354 -18.90 -13.37 6.35
CA LYS A 354 -18.49 -14.78 6.26
C LYS A 354 -19.68 -15.67 5.89
N VAL A 355 -19.49 -16.55 4.91
CA VAL A 355 -20.49 -17.43 4.29
C VAL A 355 -19.90 -18.84 4.37
N PRO A 356 -20.69 -19.92 4.39
CA PRO A 356 -20.08 -21.25 4.57
C PRO A 356 -19.54 -21.86 3.28
N ASP A 357 -19.81 -21.24 2.11
CA ASP A 357 -19.27 -21.65 0.82
C ASP A 357 -18.24 -20.62 0.32
N GLU A 358 -17.51 -20.08 1.27
CA GLU A 358 -16.62 -18.96 0.97
C GLU A 358 -15.59 -19.36 -0.06
N LEU A 359 -15.11 -20.62 -0.01
CA LEU A 359 -13.94 -20.96 -0.80
C LEU A 359 -14.34 -21.15 -2.23
N THR A 360 -15.47 -21.84 -2.46
CA THR A 360 -15.99 -21.95 -3.80
C THR A 360 -16.21 -20.58 -4.42
N HIS A 361 -16.70 -19.65 -3.63
CA HIS A 361 -17.04 -18.36 -4.19
C HIS A 361 -15.79 -17.60 -4.55
N ALA A 362 -14.74 -17.73 -3.73
CA ALA A 362 -13.50 -17.00 -4.00
C ALA A 362 -12.89 -17.48 -5.32
N LEU A 363 -12.91 -18.80 -5.55
CA LEU A 363 -12.40 -19.33 -6.81
C LEU A 363 -13.28 -18.90 -7.99
N GLU A 364 -14.62 -19.01 -7.84
CA GLU A 364 -15.45 -18.67 -8.98
C GLU A 364 -15.31 -17.19 -9.31
N CYS A 365 -15.22 -16.36 -8.28
CA CYS A 365 -14.96 -14.95 -8.50
C CYS A 365 -13.60 -14.70 -9.17
N ALA A 366 -12.55 -15.38 -8.69
CA ALA A 366 -11.23 -15.31 -9.33
C ALA A 366 -11.32 -15.67 -10.80
N MET A 367 -11.95 -16.80 -11.10
CA MET A 367 -11.98 -17.24 -12.48
C MET A 367 -12.70 -16.21 -13.33
N ASP A 368 -13.80 -15.66 -12.80
CA ASP A 368 -14.56 -14.68 -13.55
C ASP A 368 -13.74 -13.43 -13.76
N ILE A 369 -13.00 -13.02 -12.73
CA ILE A 369 -12.15 -11.85 -12.91
C ILE A 369 -11.07 -12.14 -13.94
N PHE A 370 -10.56 -13.38 -13.91
CA PHE A 370 -9.52 -13.73 -14.84
C PHE A 370 -10.04 -13.63 -16.28
N ASP A 371 -11.22 -14.21 -16.54
CA ASP A 371 -11.73 -14.26 -17.90
C ASP A 371 -12.05 -12.87 -18.42
N PHE A 372 -12.64 -12.02 -17.61
CA PHE A 372 -12.98 -10.70 -18.11
C PHE A 372 -11.72 -9.86 -18.34
N CYS A 373 -10.91 -9.71 -17.31
CA CYS A 373 -9.73 -8.84 -17.43
C CYS A 373 -8.76 -9.29 -18.52
N SER A 374 -8.76 -10.60 -18.86
CA SER A 374 -7.88 -11.13 -19.90
C SER A 374 -8.31 -10.67 -21.28
N GLN A 375 -9.51 -10.11 -21.39
CA GLN A 375 -9.95 -9.55 -22.65
C GLN A 375 -9.98 -8.03 -22.59
N VAL A 376 -9.37 -7.42 -21.58
CA VAL A 376 -9.25 -5.98 -21.56
C VAL A 376 -8.04 -5.59 -22.40
N HIS A 377 -8.24 -4.65 -23.33
CA HIS A 377 -7.14 -4.19 -24.15
C HIS A 377 -6.13 -3.43 -23.32
N LYS A 378 -4.87 -3.66 -23.64
CA LYS A 378 -3.65 -3.20 -22.99
C LYS A 378 -3.24 -4.02 -21.77
N ILE A 379 -4.07 -4.91 -21.27
CA ILE A 379 -3.65 -5.79 -20.17
C ILE A 379 -3.00 -7.02 -20.80
N GLN A 380 -1.73 -7.24 -20.49
CA GLN A 380 -0.97 -8.27 -21.19
C GLN A 380 -1.16 -9.62 -20.53
N THR A 381 -1.16 -9.63 -19.18
CA THR A 381 -1.32 -10.84 -18.38
C THR A 381 -2.12 -10.59 -17.10
N VAL A 382 -3.02 -11.53 -16.83
CA VAL A 382 -3.73 -11.56 -15.58
C VAL A 382 -3.24 -12.76 -14.80
N SER A 383 -2.97 -12.54 -13.52
CA SER A 383 -2.52 -13.59 -12.63
C SER A 383 -3.23 -13.39 -11.32
N ILE A 384 -3.78 -14.48 -10.76
CA ILE A 384 -4.56 -14.41 -9.52
C ILE A 384 -4.13 -15.52 -8.57
N GLY A 385 -3.74 -15.15 -7.37
CA GLY A 385 -3.43 -16.11 -6.29
C GLY A 385 -4.49 -16.16 -5.27
N VAL A 386 -4.86 -17.36 -4.81
CA VAL A 386 -5.91 -17.55 -3.84
C VAL A 386 -5.35 -18.35 -2.67
N ALA A 387 -5.47 -17.81 -1.45
CA ALA A 387 -5.03 -18.50 -0.24
C ALA A 387 -5.99 -18.23 0.91
N SER A 388 -6.19 -19.22 1.76
CA SER A 388 -7.15 -19.04 2.83
C SER A 388 -6.55 -19.47 4.14
N GLY A 389 -6.86 -18.71 5.19
CA GLY A 389 -6.43 -19.04 6.53
C GLY A 389 -6.61 -17.84 7.46
N ILE A 390 -5.94 -17.94 8.61
CA ILE A 390 -5.99 -16.91 9.64
C ILE A 390 -5.07 -15.77 9.25
N VAL A 391 -5.64 -14.58 9.19
CA VAL A 391 -4.88 -13.38 8.89
C VAL A 391 -5.26 -12.34 9.93
N PHE A 392 -4.33 -11.48 10.23
CA PHE A 392 -4.62 -10.36 11.10
C PHE A 392 -5.28 -9.24 10.33
N CYS A 393 -6.28 -8.63 10.92
CA CYS A 393 -7.02 -7.53 10.32
C CYS A 393 -7.01 -6.41 11.33
N GLY A 394 -6.82 -5.16 10.90
CA GLY A 394 -6.85 -4.07 11.86
C GLY A 394 -6.44 -2.75 11.24
N ILE A 395 -6.69 -1.67 11.99
CA ILE A 395 -6.36 -0.32 11.59
C ILE A 395 -4.94 -0.03 12.07
N VAL A 396 -4.02 0.14 11.14
CA VAL A 396 -2.61 0.30 11.42
C VAL A 396 -2.18 1.72 11.07
N GLY A 397 -1.42 2.34 11.95
CA GLY A 397 -0.79 3.62 11.73
C GLY A 397 -0.73 4.50 12.96
N HIS A 398 -0.95 5.78 12.74
CA HIS A 398 -0.97 6.80 13.76
C HIS A 398 -2.42 7.26 13.82
N THR A 399 -2.79 7.76 14.98
CA THR A 399 -4.08 8.39 15.23
C THR A 399 -4.50 9.29 14.09
N VAL A 400 -3.57 10.11 13.59
CA VAL A 400 -3.95 11.09 12.60
C VAL A 400 -3.76 10.57 11.19
N ARG A 401 -3.13 9.39 11.03
CA ARG A 401 -2.94 8.81 9.69
C ARG A 401 -2.80 7.29 9.76
N HIS A 402 -3.81 6.57 9.26
CA HIS A 402 -3.89 5.15 9.54
C HIS A 402 -4.78 4.51 8.48
N GLU A 403 -4.72 3.18 8.35
CA GLU A 403 -5.53 2.50 7.34
C GLU A 403 -5.82 1.07 7.80
N TYR A 404 -7.04 0.59 7.54
CA TYR A 404 -7.36 -0.82 7.62
C TYR A 404 -6.48 -1.63 6.70
N THR A 405 -5.83 -2.66 7.26
CA THR A 405 -4.83 -3.49 6.60
C THR A 405 -4.95 -4.94 7.05
N VAL A 406 -4.60 -5.86 6.17
CA VAL A 406 -4.55 -7.28 6.50
C VAL A 406 -3.10 -7.71 6.37
N ILE A 407 -2.66 -8.55 7.31
CA ILE A 407 -1.29 -9.05 7.44
C ILE A 407 -1.31 -10.56 7.70
N GLY A 408 -0.38 -11.29 7.09
CA GLY A 408 -0.18 -12.68 7.46
C GLY A 408 0.47 -13.47 6.35
N GLN A 409 0.91 -14.68 6.70
CA GLN A 409 1.56 -15.53 5.74
C GLN A 409 0.67 -15.79 4.52
N LYS A 410 -0.64 -15.90 4.74
CA LYS A 410 -1.53 -16.21 3.64
C LYS A 410 -1.63 -15.04 2.68
N VAL A 411 -1.61 -13.82 3.19
CA VAL A 411 -1.54 -12.65 2.32
C VAL A 411 -0.28 -12.72 1.46
N ASN A 412 0.86 -13.00 2.10
CA ASN A 412 2.13 -13.12 1.38
C ASN A 412 2.14 -14.27 0.40
N LEU A 413 1.54 -15.40 0.77
CA LEU A 413 1.52 -16.55 -0.13
C LEU A 413 0.70 -16.22 -1.38
N ALA A 414 -0.46 -15.59 -1.22
CA ALA A 414 -1.27 -15.27 -2.39
C ALA A 414 -0.52 -14.33 -3.32
N ALA A 415 0.11 -13.31 -2.74
CA ALA A 415 0.94 -12.38 -3.51
C ALA A 415 2.08 -13.08 -4.26
N ARG A 416 2.75 -14.04 -3.62
CA ARG A 416 3.87 -14.72 -4.28
C ARG A 416 3.37 -15.65 -5.36
N MET A 417 2.18 -16.23 -5.18
CA MET A 417 1.62 -17.14 -6.16
C MET A 417 1.34 -16.42 -7.46
N MET A 418 0.78 -15.20 -7.39
CA MET A 418 0.41 -14.51 -8.61
C MET A 418 1.65 -14.05 -9.35
N MET A 419 2.78 -13.90 -8.64
CA MET A 419 4.05 -13.51 -9.23
C MET A 419 4.76 -14.72 -9.85
N TYR A 420 4.89 -15.79 -9.09
CA TYR A 420 5.66 -16.93 -9.53
C TYR A 420 4.87 -17.81 -10.50
N TYR A 421 3.55 -17.66 -10.57
CA TYR A 421 2.71 -18.51 -11.44
C TYR A 421 1.87 -17.60 -12.34
N PRO A 422 2.52 -16.85 -13.24
CA PRO A 422 1.78 -15.81 -13.98
C PRO A 422 0.85 -16.41 -15.03
N GLY A 423 -0.18 -15.63 -15.35
CA GLY A 423 -1.11 -15.94 -16.41
C GLY A 423 -2.16 -16.96 -16.06
N ILE A 424 -2.22 -17.45 -14.82
CA ILE A 424 -3.24 -18.39 -14.38
C ILE A 424 -3.81 -17.97 -13.02
N VAL A 425 -4.82 -18.73 -12.61
CA VAL A 425 -5.38 -18.69 -11.27
C VAL A 425 -4.78 -19.82 -10.46
N THR A 426 -4.10 -19.48 -9.36
CA THR A 426 -3.58 -20.51 -8.47
C THR A 426 -4.30 -20.42 -7.13
N CYS A 427 -4.29 -21.53 -6.40
CA CYS A 427 -4.79 -21.59 -5.03
C CYS A 427 -3.95 -22.54 -4.19
N ASP A 428 -4.04 -22.34 -2.87
CA ASP A 428 -3.30 -23.12 -1.90
C ASP A 428 -4.09 -24.39 -1.56
N SER A 429 -3.50 -25.20 -0.67
CA SER A 429 -4.09 -26.47 -0.31
C SER A 429 -5.35 -26.32 0.55
N VAL A 430 -5.36 -25.32 1.44
CA VAL A 430 -6.56 -25.06 2.24
C VAL A 430 -7.74 -24.76 1.33
N THR A 431 -7.56 -23.85 0.36
CA THR A 431 -8.65 -23.51 -0.56
C THR A 431 -9.06 -24.71 -1.41
N TYR A 432 -8.10 -25.51 -1.85
CA TYR A 432 -8.42 -26.66 -2.69
C TYR A 432 -9.27 -27.68 -1.94
N ASN A 433 -8.75 -28.17 -0.79
CA ASN A 433 -9.41 -29.24 -0.05
C ASN A 433 -10.74 -28.79 0.52
N GLY A 434 -10.85 -27.52 0.87
CA GLY A 434 -12.05 -27.00 1.49
C GLY A 434 -13.08 -26.44 0.54
N SER A 435 -12.79 -26.35 -0.76
CA SER A 435 -13.81 -25.94 -1.70
C SER A 435 -14.85 -27.06 -1.89
N ASN A 436 -16.09 -26.67 -2.16
CA ASN A 436 -17.11 -27.70 -2.49
C ASN A 436 -17.13 -27.94 -4.02
N LEU A 437 -15.96 -28.20 -4.60
CA LEU A 437 -15.75 -28.49 -6.02
C LEU A 437 -15.03 -29.80 -6.18
N PRO A 438 -15.22 -30.49 -7.33
CA PRO A 438 -14.49 -31.72 -7.61
C PRO A 438 -13.05 -31.46 -7.98
N ALA A 439 -12.22 -32.47 -7.75
CA ALA A 439 -10.78 -32.30 -7.90
C ALA A 439 -10.38 -31.96 -9.33
N TYR A 440 -11.14 -32.42 -10.33
CA TYR A 440 -10.69 -32.21 -11.71
C TYR A 440 -10.90 -30.78 -12.17
N PHE A 441 -11.54 -29.94 -11.37
CA PHE A 441 -11.54 -28.53 -11.67
C PHE A 441 -10.17 -27.91 -11.40
N PHE A 442 -9.24 -28.73 -10.89
CA PHE A 442 -7.94 -28.27 -10.43
C PHE A 442 -6.82 -29.00 -11.16
N LYS A 443 -5.60 -28.50 -11.02
CA LYS A 443 -4.39 -29.16 -11.47
C LYS A 443 -3.31 -28.91 -10.43
N GLU A 444 -2.68 -29.99 -9.94
CA GLU A 444 -1.54 -29.81 -9.04
C GLU A 444 -0.38 -29.18 -9.81
N LEU A 445 0.39 -28.38 -9.13
CA LEU A 445 1.42 -27.56 -9.76
C LEU A 445 2.81 -27.93 -9.26
N PRO A 446 3.84 -27.76 -10.11
CA PRO A 446 5.21 -27.90 -9.64
C PRO A 446 5.51 -26.91 -8.54
N LYS A 447 5.97 -27.40 -7.41
CA LYS A 447 6.21 -26.49 -6.30
C LYS A 447 7.54 -25.79 -6.53
N LYS A 448 7.50 -24.45 -6.62
CA LYS A 448 8.67 -23.60 -6.79
C LYS A 448 9.10 -23.04 -5.44
N VAL A 449 10.41 -22.80 -5.29
CA VAL A 449 10.89 -22.04 -4.15
C VAL A 449 10.51 -20.58 -4.34
N MET A 450 9.90 -19.98 -3.32
CA MET A 450 9.47 -18.59 -3.38
C MET A 450 9.99 -17.79 -2.18
N LYS A 451 10.35 -16.53 -2.45
CA LYS A 451 11.00 -15.68 -1.44
C LYS A 451 10.14 -15.55 -0.19
N GLY A 452 10.72 -15.93 0.94
CA GLY A 452 10.03 -15.76 2.19
C GLY A 452 8.85 -16.67 2.42
N VAL A 453 8.67 -17.68 1.59
CA VAL A 453 7.57 -18.64 1.71
C VAL A 453 8.18 -19.98 2.08
N ALA A 454 7.95 -20.40 3.33
CA ALA A 454 8.49 -21.67 3.83
C ALA A 454 7.42 -22.73 3.63
N ASP A 455 7.64 -23.58 2.62
CA ASP A 455 6.75 -24.67 2.23
C ASP A 455 5.29 -24.34 2.40
N SER A 456 4.89 -23.59 1.44
CA SER A 456 3.51 -23.38 1.03
C SER A 456 2.46 -24.47 1.36
N GLY A 457 2.90 -25.70 1.22
CA GLY A 457 2.00 -26.82 0.97
C GLY A 457 1.95 -27.07 -0.52
N PRO A 458 1.10 -28.03 -0.94
CA PRO A 458 0.82 -28.20 -2.37
C PRO A 458 0.02 -27.03 -2.90
N LEU A 459 0.35 -26.62 -4.11
CA LEU A 459 -0.39 -25.57 -4.79
C LEU A 459 -1.06 -26.14 -6.02
N TYR A 460 -2.11 -25.44 -6.45
CA TYR A 460 -3.00 -25.89 -7.51
C TYR A 460 -3.29 -24.76 -8.48
N GLN A 461 -3.49 -25.13 -9.75
CA GLN A 461 -4.10 -24.23 -10.72
C GLN A 461 -5.58 -24.49 -10.69
N TYR A 462 -6.37 -23.43 -10.68
CA TYR A 462 -7.82 -23.56 -10.74
C TYR A 462 -8.18 -23.57 -12.22
N TRP A 463 -8.42 -24.75 -12.75
CA TRP A 463 -8.58 -24.94 -14.19
C TRP A 463 -10.00 -24.57 -14.63
N GLY A 464 -11.01 -24.85 -13.81
CA GLY A 464 -12.39 -24.54 -14.13
C GLY A 464 -13.18 -25.80 -14.43
N ARG A 465 -14.42 -25.59 -14.87
CA ARG A 465 -15.36 -26.71 -14.97
C ARG A 465 -15.15 -27.57 -16.21
N THR A 466 -14.48 -27.07 -17.26
CA THR A 466 -14.28 -27.86 -18.47
C THR A 466 -12.84 -27.69 -18.93
N GLU A 467 -12.44 -28.54 -19.89
CA GLU A 467 -11.04 -28.65 -20.29
C GLU A 467 -10.55 -27.42 -21.04
N LYS A 468 -11.41 -26.74 -21.79
CA LYS A 468 -11.04 -25.44 -22.40
C LYS A 468 -12.13 -24.38 -22.18
#